data_2INX
#
_entry.id   2INX
#
_cell.length_a   35.114
_cell.length_b   94.887
_cell.length_c   72.424
_cell.angle_alpha   90.00
_cell.angle_beta   90.00
_cell.angle_gamma   90.00
#
_symmetry.space_group_name_H-M   'C 2 2 21'
#
loop_
_entity.id
_entity.type
_entity.pdbx_description
1 polymer 'Steroid delta-isomerase'
2 non-polymer 2,6-DIFLUOROPHENOL
3 water water
#
_entity_poly.entity_id   1
_entity_poly.type   'polypeptide(L)'
_entity_poly.pdbx_seq_one_letter_code
;MNLPTAQEVQGLMARYIELVDVGDIEAIVQMYADDATVENPFGQPPIHGREQIAAFYRQGLGGGKVRACLTGPVRASHNG
CGAMPFRVEMVWNGQPCALDVIDVMRFDEHGRIQTMQAYWSEVNLSVREPQ
;
_entity_poly.pdbx_strand_id   A
#
# COMPACT_ATOMS: atom_id res chain seq x y z
N ASN A 2 -15.88 -11.24 4.47
CA ASN A 2 -15.58 -12.08 3.27
C ASN A 2 -14.99 -11.24 2.11
N LEU A 3 -15.13 -11.72 0.86
CA LEU A 3 -14.61 -10.96 -0.28
C LEU A 3 -15.23 -9.58 -0.26
N PRO A 4 -14.39 -8.54 -0.20
CA PRO A 4 -15.11 -7.28 0.05
C PRO A 4 -15.94 -6.76 -1.12
N THR A 5 -17.04 -6.10 -0.78
CA THR A 5 -17.82 -5.41 -1.81
C THR A 5 -17.05 -4.20 -2.32
N ALA A 6 -17.58 -3.57 -3.38
CA ALA A 6 -16.91 -2.37 -3.92
C ALA A 6 -16.81 -1.35 -2.81
N GLN A 7 -17.88 -1.24 -2.02
CA GLN A 7 -17.85 -0.26 -0.92
C GLN A 7 -16.78 -0.57 0.13
N GLU A 8 -16.70 -1.85 0.46
CA GLU A 8 -15.74 -2.32 1.48
C GLU A 8 -14.29 -2.18 0.99
N VAL A 9 -14.07 -2.42 -0.30
CA VAL A 9 -12.76 -2.14 -0.93
C VAL A 9 -12.34 -0.70 -0.74
N GLN A 10 -13.27 0.23 -0.98
CA GLN A 10 -12.95 1.63 -0.79
C GLN A 10 -12.52 1.93 0.65
N GLY A 11 -13.28 1.40 1.61
CA GLY A 11 -12.91 1.60 2.98
C GLY A 11 -11.56 1.00 3.37
N LEU A 12 -11.33 -0.22 2.86
CA LEU A 12 -10.07 -0.98 3.20
C LEU A 12 -8.85 -0.30 2.60
N MET A 13 -8.99 0.14 1.37
CA MET A 13 -7.85 0.84 0.71
C MET A 13 -7.60 2.22 1.32
N ALA A 14 -8.65 2.93 1.69
CA ALA A 14 -8.41 4.16 2.42
C ALA A 14 -7.76 3.96 3.83
N ARG A 15 -8.21 2.86 4.49
CA ARG A 15 -7.67 2.56 5.80
CA ARG A 15 -7.70 2.45 5.78
C ARG A 15 -6.19 2.25 5.64
N TYR A 16 -5.84 1.48 4.60
CA TYR A 16 -4.45 1.21 4.33
C TYR A 16 -3.64 2.53 4.28
N ILE A 17 -4.12 3.53 3.52
CA ILE A 17 -3.38 4.77 3.43
C ILE A 17 -3.28 5.50 4.81
N GLU A 18 -4.35 5.46 5.60
CA GLU A 18 -4.26 5.99 6.95
C GLU A 18 -3.20 5.33 7.80
N LEU A 19 -3.05 4.02 7.63
CA LEU A 19 -2.06 3.32 8.43
C LEU A 19 -0.64 3.57 7.96
N VAL A 20 -0.45 3.75 6.66
CA VAL A 20 0.81 4.26 6.14
C VAL A 20 1.16 5.61 6.67
N ASP A 21 0.17 6.48 6.64
CA ASP A 21 0.34 7.83 7.09
C ASP A 21 0.79 7.88 8.56
N VAL A 22 0.20 7.07 9.43
CA VAL A 22 0.68 7.13 10.85
C VAL A 22 1.99 6.31 11.00
N GLY A 23 2.18 5.34 10.11
CA GLY A 23 3.34 4.48 10.20
C GLY A 23 3.22 3.27 11.12
N ASP A 24 2.00 2.73 11.20
CA ASP A 24 1.74 1.59 12.01
C ASP A 24 2.01 0.33 11.24
N ILE A 25 3.27 -0.10 11.35
CA ILE A 25 3.79 -1.23 10.59
C ILE A 25 2.98 -2.46 10.93
N GLU A 26 2.82 -2.74 12.22
CA GLU A 26 2.10 -3.96 12.61
CA GLU A 26 2.05 -3.94 12.63
C GLU A 26 0.63 -4.02 12.08
N ALA A 27 -0.07 -2.92 12.07
CA ALA A 27 -1.43 -2.84 11.60
C ALA A 27 -1.45 -2.96 10.07
N ILE A 28 -0.44 -2.39 9.41
CA ILE A 28 -0.38 -2.56 7.96
C ILE A 28 -0.20 -4.03 7.57
N VAL A 29 0.71 -4.69 8.27
CA VAL A 29 0.99 -6.09 7.98
C VAL A 29 -0.24 -6.95 8.23
N GLN A 30 -1.02 -6.65 9.27
N GLN A 30 -1.02 -6.66 9.28
CA GLN A 30 -2.24 -7.41 9.53
CA GLN A 30 -2.27 -7.38 9.52
C GLN A 30 -3.34 -7.23 8.46
C GLN A 30 -3.24 -7.31 8.36
N MET A 31 -3.21 -6.21 7.61
CA MET A 31 -4.17 -6.08 6.50
C MET A 31 -3.86 -7.07 5.38
N TYR A 32 -2.61 -7.53 5.31
CA TYR A 32 -2.23 -8.47 4.25
C TYR A 32 -2.53 -9.93 4.62
N ALA A 33 -2.79 -10.73 3.59
CA ALA A 33 -2.94 -12.15 3.82
C ALA A 33 -1.59 -12.64 4.36
N ASP A 34 -1.57 -13.78 5.08
CA ASP A 34 -0.31 -14.25 5.69
C ASP A 34 0.77 -14.55 4.62
N ASP A 35 0.34 -14.91 3.41
CA ASP A 35 1.17 -15.32 2.30
C ASP A 35 1.01 -14.36 1.09
N ALA A 36 0.60 -13.12 1.40
CA ALA A 36 0.40 -12.09 0.36
C ALA A 36 1.68 -11.82 -0.44
N THR A 37 1.51 -11.24 -1.61
CA THR A 37 2.67 -10.68 -2.35
C THR A 37 2.59 -9.18 -2.55
N VAL A 38 3.76 -8.55 -2.52
CA VAL A 38 3.87 -7.13 -2.84
C VAL A 38 4.86 -6.96 -3.98
N GLU A 39 4.43 -6.24 -5.04
CA GLU A 39 5.38 -5.77 -6.09
C GLU A 39 5.50 -4.26 -5.99
N ASN A 40 6.61 -3.73 -5.49
CA ASN A 40 6.74 -2.29 -5.17
C ASN A 40 8.21 -1.86 -5.35
N PRO A 41 8.53 -1.17 -6.48
CA PRO A 41 7.60 -0.79 -7.58
C PRO A 41 7.21 -1.95 -8.45
N PHE A 42 6.05 -1.87 -9.09
CA PHE A 42 5.67 -2.86 -10.09
C PHE A 42 6.79 -2.95 -11.15
N GLY A 43 7.19 -4.16 -11.47
CA GLY A 43 8.36 -4.38 -12.34
C GLY A 43 9.51 -5.06 -11.63
N GLN A 44 9.49 -4.96 -10.31
CA GLN A 44 10.52 -5.54 -9.49
C GLN A 44 10.00 -6.88 -8.98
N PRO A 45 10.91 -7.78 -8.55
CA PRO A 45 10.41 -9.07 -8.06
C PRO A 45 9.51 -8.95 -6.81
N PRO A 46 8.46 -9.79 -6.75
CA PRO A 46 7.55 -9.78 -5.62
C PRO A 46 8.27 -10.15 -4.34
N ILE A 47 7.78 -9.58 -3.27
CA ILE A 47 8.15 -10.13 -1.98
C ILE A 47 6.97 -10.90 -1.42
N HIS A 48 7.24 -11.92 -0.63
CA HIS A 48 6.20 -12.87 -0.29
CA HIS A 48 6.23 -12.91 -0.28
C HIS A 48 6.13 -13.08 1.22
N GLY A 49 4.92 -12.98 1.75
CA GLY A 49 4.69 -13.33 3.13
C GLY A 49 4.77 -12.15 4.06
N ARG A 50 4.09 -12.31 5.17
CA ARG A 50 4.09 -11.22 6.16
C ARG A 50 5.47 -10.83 6.73
N GLU A 51 6.36 -11.76 6.93
CA GLU A 51 7.65 -11.40 7.49
C GLU A 51 8.36 -10.45 6.50
N GLN A 52 8.42 -10.84 5.22
CA GLN A 52 9.12 -10.00 4.20
C GLN A 52 8.40 -8.62 4.02
N ILE A 53 7.06 -8.67 4.05
CA ILE A 53 6.27 -7.44 3.90
C ILE A 53 6.53 -6.54 5.08
N ALA A 54 6.53 -7.08 6.28
CA ALA A 54 6.87 -6.27 7.46
C ALA A 54 8.22 -5.61 7.33
N ALA A 55 9.19 -6.39 6.85
CA ALA A 55 10.58 -5.90 6.67
C ALA A 55 10.62 -4.72 5.69
N PHE A 56 9.85 -4.83 4.62
CA PHE A 56 9.68 -3.78 3.64
C PHE A 56 9.09 -2.50 4.22
N TYR A 57 7.97 -2.59 4.96
CA TYR A 57 7.34 -1.37 5.53
C TYR A 57 8.21 -0.76 6.58
N ARG A 58 8.84 -1.61 7.39
CA ARG A 58 9.67 -1.07 8.49
CA ARG A 58 9.68 -1.11 8.48
C ARG A 58 10.82 -0.27 7.93
N GLN A 59 11.41 -0.73 6.84
CA GLN A 59 12.55 -0.03 6.28
C GLN A 59 12.12 1.15 5.47
N GLY A 60 10.94 1.07 4.89
CA GLY A 60 10.40 2.13 4.06
C GLY A 60 9.85 3.25 4.93
N LEU A 61 9.28 2.90 6.09
CA LEU A 61 8.62 3.90 6.92
C LEU A 61 9.43 4.35 8.09
N LYS A 65 9.69 10.32 9.70
CA LYS A 65 8.41 11.00 9.44
C LYS A 65 7.99 10.83 7.98
N VAL A 66 6.87 10.14 7.79
CA VAL A 66 6.28 9.97 6.47
C VAL A 66 4.85 10.40 6.55
N ARG A 67 4.39 11.10 5.50
CA ARG A 67 3.00 11.43 5.38
CA ARG A 67 3.02 11.48 5.37
C ARG A 67 2.46 10.73 4.15
N ALA A 68 1.20 10.38 4.18
CA ALA A 68 0.66 9.74 2.97
C ALA A 68 -0.77 10.08 2.90
N CYS A 69 -1.21 10.40 1.70
CA CYS A 69 -2.62 10.67 1.55
C CYS A 69 -3.13 10.35 0.17
N LEU A 70 -4.41 10.01 0.12
CA LEU A 70 -5.09 9.85 -1.13
C LEU A 70 -5.08 11.15 -1.88
N THR A 71 -4.85 11.05 -3.18
CA THR A 71 -4.89 12.29 -4.06
C THR A 71 -6.04 12.15 -5.07
N GLY A 72 -6.95 11.21 -4.80
CA GLY A 72 -8.26 11.06 -5.46
C GLY A 72 -8.94 9.81 -4.95
N PRO A 73 -10.15 9.52 -5.43
CA PRO A 73 -10.94 8.51 -4.83
C PRO A 73 -10.37 7.14 -5.16
N VAL A 74 -10.69 6.20 -4.28
CA VAL A 74 -10.44 4.77 -4.56
C VAL A 74 -11.39 4.32 -5.64
N ARG A 75 -10.87 3.62 -6.65
CA ARG A 75 -11.65 3.05 -7.72
C ARG A 75 -11.76 1.58 -7.35
N ALA A 76 -12.98 1.12 -7.09
CA ALA A 76 -13.16 -0.25 -6.67
C ALA A 76 -13.92 -1.02 -7.70
N SER A 77 -13.63 -2.31 -7.85
CA SER A 77 -14.41 -3.25 -8.70
C SER A 77 -15.37 -4.10 -7.85
N HIS A 78 -16.10 -4.97 -8.52
CA HIS A 78 -17.02 -5.95 -7.92
C HIS A 78 -16.42 -7.34 -7.78
N ASN A 79 -15.12 -7.43 -7.97
CA ASN A 79 -14.42 -8.71 -7.75
C ASN A 79 -13.30 -8.61 -6.67
N GLY A 80 -13.53 -7.75 -5.65
CA GLY A 80 -12.61 -7.66 -4.51
C GLY A 80 -11.30 -6.96 -4.85
N CYS A 81 -11.31 -6.15 -5.89
CA CYS A 81 -10.07 -5.42 -6.30
C CYS A 81 -10.30 -3.89 -6.32
N GLY A 82 -9.22 -3.15 -6.28
CA GLY A 82 -9.33 -1.69 -6.45
C GLY A 82 -7.99 -1.09 -6.80
N ALA A 83 -8.02 0.21 -7.08
CA ALA A 83 -6.81 0.97 -7.41
C ALA A 83 -6.99 2.35 -6.79
N MET A 84 -5.91 2.93 -6.31
CA MET A 84 -6.03 4.27 -5.70
C MET A 84 -4.81 5.10 -6.00
N PRO A 85 -4.96 6.42 -6.17
CA PRO A 85 -3.79 7.21 -6.35
C PRO A 85 -3.47 7.90 -5.02
N PHE A 86 -2.20 8.02 -4.73
CA PHE A 86 -1.81 8.70 -3.49
C PHE A 86 -0.42 9.29 -3.61
N ARG A 87 -0.05 10.11 -2.60
CA ARG A 87 1.26 10.75 -2.56
C ARG A 87 1.87 10.47 -1.20
N VAL A 88 3.13 10.11 -1.18
CA VAL A 88 3.86 9.87 0.06
C VAL A 88 4.96 10.91 0.13
N GLU A 89 5.03 11.59 1.28
CA GLU A 89 6.02 12.64 1.52
C GLU A 89 7.02 12.15 2.56
N MET A 90 8.27 12.38 2.27
CA MET A 90 9.33 11.83 3.11
C MET A 90 10.58 12.69 3.10
N VAL A 91 11.58 12.23 3.82
CA VAL A 91 12.87 12.85 3.87
C VAL A 91 13.88 11.78 3.47
N TRP A 92 14.84 12.16 2.64
CA TRP A 92 15.83 11.23 2.16
C TRP A 92 17.20 11.94 2.17
N ASN A 93 17.77 12.03 3.38
CA ASN A 93 19.01 12.76 3.60
C ASN A 93 18.71 14.26 3.76
N GLY A 94 17.89 14.55 4.76
CA GLY A 94 17.52 15.93 5.15
C GLY A 94 16.71 16.67 4.11
N GLN A 95 16.62 16.05 2.92
CA GLN A 95 15.89 16.58 1.79
C GLN A 95 14.48 16.01 1.79
N PRO A 96 13.49 16.90 1.91
CA PRO A 96 12.12 16.50 1.75
C PRO A 96 11.91 16.03 0.29
N CYS A 97 11.02 15.08 0.08
CA CYS A 97 10.65 14.74 -1.28
C CYS A 97 9.31 14.08 -1.27
N ALA A 98 8.72 13.93 -2.45
CA ALA A 98 7.40 13.30 -2.55
C ALA A 98 7.44 12.28 -3.66
N LEU A 99 6.53 11.29 -3.54
CA LEU A 99 6.38 10.23 -4.55
C LEU A 99 4.90 10.04 -4.81
N ASP A 100 4.53 10.13 -6.09
CA ASP A 100 3.16 9.86 -6.54
C ASP A 100 3.05 8.39 -6.93
N VAL A 101 2.03 7.68 -6.43
CA VAL A 101 1.96 6.20 -6.59
C VAL A 101 0.51 5.86 -6.89
N ILE A 102 0.30 4.77 -7.63
CA ILE A 102 -1.02 4.13 -7.68
C ILE A 102 -0.80 2.74 -7.17
N ASP A 103 -1.56 2.37 -6.14
CA ASP A 103 -1.56 0.94 -5.76
C ASP A 103 -2.77 0.25 -6.34
N VAL A 104 -2.55 -0.97 -6.85
CA VAL A 104 -3.65 -1.90 -7.27
C VAL A 104 -3.65 -3.03 -6.26
N MET A 105 -4.81 -3.35 -5.72
CA MET A 105 -4.84 -4.41 -4.70
C MET A 105 -5.97 -5.41 -5.01
N ARG A 106 -5.66 -6.70 -4.76
CA ARG A 106 -6.69 -7.72 -4.80
C ARG A 106 -6.84 -8.25 -3.41
N PHE A 107 -8.07 -8.28 -2.94
CA PHE A 107 -8.43 -8.84 -1.62
C PHE A 107 -8.89 -10.25 -1.72
N ASP A 108 -8.73 -10.98 -0.62
CA ASP A 108 -9.13 -12.41 -0.63
C ASP A 108 -10.49 -12.49 -0.02
N GLU A 109 -10.97 -13.73 0.08
CA GLU A 109 -12.29 -14.06 0.56
C GLU A 109 -12.46 -13.79 2.05
N HIS A 110 -11.37 -13.42 2.72
CA HIS A 110 -11.35 -13.02 4.12
C HIS A 110 -11.21 -11.51 4.28
N GLY A 111 -11.20 -10.81 3.17
CA GLY A 111 -10.94 -9.39 3.31
C GLY A 111 -9.49 -8.92 3.54
N ARG A 112 -8.50 -9.76 3.26
CA ARG A 112 -7.09 -9.40 3.44
CA ARG A 112 -7.14 -9.29 3.42
C ARG A 112 -6.49 -9.14 2.06
N ILE A 113 -5.47 -8.29 2.02
CA ILE A 113 -4.82 -8.03 0.73
C ILE A 113 -4.03 -9.25 0.37
N GLN A 114 -4.38 -9.88 -0.76
CA GLN A 114 -3.68 -11.02 -1.33
C GLN A 114 -2.55 -10.60 -2.26
N THR A 115 -2.78 -9.59 -3.10
CA THR A 115 -1.69 -9.07 -3.91
C THR A 115 -1.77 -7.53 -3.93
N MET A 116 -0.60 -6.86 -3.97
CA MET A 116 -0.55 -5.39 -4.11
C MET A 116 0.50 -5.12 -5.17
N GLN A 117 0.17 -4.20 -6.07
CA GLN A 117 1.10 -3.76 -7.10
C GLN A 117 1.24 -2.28 -6.99
N ALA A 118 2.43 -1.76 -6.75
CA ALA A 118 2.58 -0.30 -6.53
C ALA A 118 3.24 0.27 -7.82
N TYR A 119 2.46 1.02 -8.59
CA TYR A 119 2.94 1.66 -9.81
C TYR A 119 3.61 2.97 -9.50
N TRP A 120 4.91 3.09 -9.84
CA TRP A 120 5.64 4.40 -9.73
C TRP A 120 7.03 4.13 -10.25
N SER A 121 7.68 5.18 -10.72
CA SER A 121 9.11 5.15 -10.98
C SER A 121 9.70 6.49 -10.56
N GLU A 122 10.99 6.66 -10.91
CA GLU A 122 11.74 7.84 -10.62
CA GLU A 122 11.71 7.90 -10.59
C GLU A 122 11.04 9.09 -11.20
N VAL A 123 10.32 8.91 -12.33
CA VAL A 123 9.58 10.04 -12.95
C VAL A 123 8.46 10.57 -12.07
N ASN A 124 8.09 9.80 -11.00
CA ASN A 124 7.05 10.19 -10.05
C ASN A 124 7.58 10.75 -8.74
N LEU A 125 8.90 10.90 -8.67
CA LEU A 125 9.58 11.42 -7.47
C LEU A 125 9.87 12.90 -7.65
N SER A 126 9.75 13.67 -6.58
CA SER A 126 10.03 15.09 -6.61
C SER A 126 10.85 15.44 -5.42
N VAL A 127 11.90 16.23 -5.60
CA VAL A 127 12.60 16.81 -4.47
C VAL A 127 11.94 18.15 -4.14
#